data_5DK6
#
_entry.id   5DK6
#
_cell.length_a   145.427
_cell.length_b   145.427
_cell.length_c   70.341
_cell.angle_alpha   90.00
_cell.angle_beta   90.00
_cell.angle_gamma   120.00
#
_symmetry.space_group_name_H-M   'P 65 2 2'
#
loop_
_entity.id
_entity.type
_entity.pdbx_description
1 polymer "5'-methylthioadenosine/S-adenosylhomocysteine nucleosidase"
2 non-polymer GLYCINE
3 non-polymer ADENINE
4 water water
#
_entity_poly.entity_id   1
_entity_poly.type   'polypeptide(L)'
_entity_poly.pdbx_seq_one_letter_code
;(MSE)HHHHHHSSGVDLGTENLYFQS(MSE)KAGIIGA(MSE)EPEVAILKEKLTDAKSTEHAGYTFHQGQLDGSDVVIV
QSGIGKVAAALATAILIDRFQVDYVVNTGSAGGFDASLKVGDIVVSSEVRYHDVDLTAFGYEIGQLPANPAAF(MSE)PH
DDLVAAAKKGIEQLSQTAGENIKAVTGLITTGDTF(MSE)TKEEDVAKARANFPT(MSE)AAVE(MSE)EGAAIAQACLQ
LKTPFVVIRSLSDIAGKESPHTFEEYLETAAVNSSQLVLN(MSE)LGQLKGKVLSAA
;
_entity_poly.pdbx_strand_id   A
#
# COMPACT_ATOMS: atom_id res chain seq x y z
N LEU A 18 12.18 15.42 24.46
CA LEU A 18 13.24 14.73 23.73
C LEU A 18 12.68 13.53 22.94
N TYR A 19 12.99 12.32 23.43
CA TYR A 19 12.58 11.06 22.79
C TYR A 19 11.05 10.87 22.71
N PHE A 20 10.53 10.58 21.52
CA PHE A 20 9.12 10.21 21.37
C PHE A 20 8.93 8.73 21.66
N GLN A 21 7.75 8.36 22.16
CA GLN A 21 7.41 6.96 22.35
C GLN A 21 6.52 6.50 21.20
N SER A 22 7.11 5.80 20.24
CA SER A 22 6.41 5.51 19.00
C SER A 22 6.26 4.03 18.70
N LYS A 24 6.08 0.56 16.27
CA LYS A 24 6.93 0.03 15.23
C LYS A 24 6.12 -0.19 13.96
N ALA A 25 6.55 0.44 12.88
CA ALA A 25 5.84 0.37 11.61
C ALA A 25 6.41 -0.70 10.68
N GLY A 26 5.51 -1.54 10.15
CA GLY A 26 5.84 -2.44 9.06
C GLY A 26 5.63 -1.69 7.75
N ILE A 27 6.65 -1.65 6.90
CA ILE A 27 6.54 -0.98 5.61
C ILE A 27 6.80 -1.95 4.46
N ILE A 28 5.81 -2.15 3.59
CA ILE A 28 5.98 -3.11 2.51
C ILE A 28 5.69 -2.56 1.10
N GLY A 29 6.64 -2.84 0.19
CA GLY A 29 6.54 -2.53 -1.24
C GLY A 29 6.86 -3.78 -2.09
N ALA A 30 6.23 -3.87 -3.25
CA ALA A 30 6.38 -5.10 -4.03
C ALA A 30 7.77 -5.19 -4.69
N GLU A 32 11.83 -3.22 -5.64
CA GLU A 32 12.92 -2.42 -5.06
C GLU A 32 12.79 -0.88 -5.14
N PRO A 33 12.34 -0.32 -6.29
CA PRO A 33 12.22 1.14 -6.30
C PRO A 33 11.21 1.66 -5.31
N GLU A 34 10.14 0.90 -5.08
CA GLU A 34 9.08 1.35 -4.19
C GLU A 34 9.54 1.45 -2.74
N VAL A 35 10.77 0.98 -2.49
CA VAL A 35 11.24 0.70 -1.15
C VAL A 35 12.63 1.32 -0.93
N ALA A 36 13.35 1.52 -2.04
CA ALA A 36 14.75 1.95 -2.04
C ALA A 36 14.98 3.26 -1.27
N ILE A 37 14.06 4.21 -1.44
CA ILE A 37 14.21 5.53 -0.81
C ILE A 37 14.24 5.41 0.71
N LEU A 38 13.17 4.87 1.29
CA LEU A 38 13.04 4.74 2.74
C LEU A 38 14.11 3.82 3.28
N LYS A 39 14.54 2.88 2.45
CA LYS A 39 15.60 1.96 2.82
C LYS A 39 16.88 2.75 3.06
N GLU A 40 17.05 3.82 2.30
CA GLU A 40 18.25 4.62 2.35
C GLU A 40 18.30 5.47 3.62
N LYS A 41 17.21 6.19 3.87
CA LYS A 41 17.14 7.09 5.02
C LYS A 41 17.11 6.36 6.35
N LEU A 42 17.14 5.03 6.29
CA LEU A 42 17.21 4.20 7.47
C LEU A 42 18.47 4.51 8.28
N THR A 43 18.28 4.75 9.57
CA THR A 43 19.40 4.91 10.49
C THR A 43 19.54 3.64 11.31
N ASP A 44 20.74 3.36 11.81
CA ASP A 44 21.00 2.14 12.58
C ASP A 44 20.48 0.93 11.83
N ALA A 45 20.76 0.90 10.54
CA ALA A 45 20.27 -0.14 9.66
C ALA A 45 20.82 -1.51 10.04
N LYS A 46 19.92 -2.47 10.13
CA LYS A 46 20.32 -3.86 10.18
C LYS A 46 19.45 -4.57 9.17
N SER A 47 20.00 -5.53 8.47
CA SER A 47 19.21 -6.32 7.54
C SER A 47 19.30 -7.79 7.91
N THR A 48 18.16 -8.48 7.88
CA THR A 48 18.06 -9.87 8.27
C THR A 48 17.27 -10.62 7.22
N GLU A 49 17.32 -11.94 7.26
CA GLU A 49 16.65 -12.73 6.26
C GLU A 49 15.87 -13.85 6.91
N HIS A 50 14.58 -13.92 6.64
CA HIS A 50 13.80 -15.05 7.07
C HIS A 50 12.85 -15.44 5.99
N ALA A 51 12.68 -16.74 5.87
CA ALA A 51 11.73 -17.34 4.95
C ALA A 51 11.82 -16.77 3.51
N GLY A 52 13.03 -16.45 3.07
CA GLY A 52 13.26 -16.07 1.69
C GLY A 52 13.11 -14.59 1.40
N TYR A 53 12.76 -13.82 2.44
CA TYR A 53 12.65 -12.37 2.32
C TYR A 53 13.76 -11.68 3.08
N THR A 54 14.01 -10.43 2.70
CA THR A 54 15.02 -9.61 3.34
C THR A 54 14.36 -8.47 4.07
N PHE A 55 14.53 -8.42 5.38
CA PHE A 55 13.89 -7.39 6.18
C PHE A 55 14.93 -6.39 6.67
N HIS A 56 14.68 -5.11 6.41
CA HIS A 56 15.58 -4.05 6.77
C HIS A 56 15.06 -3.29 7.98
N GLN A 57 15.57 -3.62 9.16
CA GLN A 57 15.17 -2.95 10.39
C GLN A 57 16.07 -1.75 10.68
N GLY A 58 15.45 -0.64 11.08
CA GLY A 58 16.16 0.58 11.35
C GLY A 58 15.21 1.65 11.84
N GLN A 59 15.64 2.91 11.78
CA GLN A 59 14.75 4.00 12.16
C GLN A 59 14.67 5.06 11.08
N LEU A 60 13.50 5.68 10.98
CA LEU A 60 13.27 6.80 10.09
C LEU A 60 12.80 7.98 10.91
N ASP A 61 13.63 9.02 10.98
CA ASP A 61 13.38 10.18 11.81
C ASP A 61 12.96 9.76 13.22
N GLY A 62 13.66 8.78 13.77
CA GLY A 62 13.43 8.36 15.14
C GLY A 62 12.47 7.20 15.33
N SER A 63 11.52 7.05 14.41
CA SER A 63 10.51 5.99 14.50
C SER A 63 11.05 4.64 14.07
N ASP A 64 10.74 3.58 14.82
CA ASP A 64 11.20 2.24 14.49
C ASP A 64 10.42 1.63 13.34
N VAL A 65 11.10 1.23 12.27
CA VAL A 65 10.42 0.62 11.14
C VAL A 65 11.06 -0.69 10.71
N VAL A 66 10.29 -1.53 10.03
CA VAL A 66 10.85 -2.69 9.35
C VAL A 66 10.35 -2.65 7.91
N ILE A 67 11.28 -2.60 6.97
CA ILE A 67 10.99 -2.43 5.56
C ILE A 67 11.25 -3.71 4.78
N VAL A 68 10.26 -4.18 4.03
CA VAL A 68 10.49 -5.38 3.21
C VAL A 68 9.95 -5.18 1.81
N GLN A 69 10.74 -5.62 0.84
CA GLN A 69 10.31 -5.72 -0.54
C GLN A 69 9.71 -7.10 -0.75
N SER A 70 8.43 -7.17 -1.11
CA SER A 70 7.69 -8.44 -1.08
C SER A 70 7.78 -9.31 -2.33
N GLY A 71 7.91 -8.67 -3.49
CA GLY A 71 7.60 -9.35 -4.73
C GLY A 71 6.20 -9.01 -5.22
N ILE A 72 5.86 -9.46 -6.41
CA ILE A 72 4.63 -9.05 -7.07
C ILE A 72 3.51 -9.99 -6.70
N GLY A 73 2.30 -9.45 -6.51
CA GLY A 73 1.12 -10.29 -6.41
C GLY A 73 0.67 -10.62 -5.00
N LYS A 74 -0.50 -11.22 -4.92
CA LYS A 74 -1.24 -11.43 -3.66
C LYS A 74 -0.49 -12.31 -2.69
N VAL A 75 -0.17 -13.52 -3.11
CA VAL A 75 0.45 -14.46 -2.19
C VAL A 75 1.82 -13.97 -1.65
N ALA A 76 2.59 -13.32 -2.48
CA ALA A 76 3.92 -12.90 -2.08
C ALA A 76 3.83 -11.76 -1.09
N ALA A 77 2.87 -10.87 -1.30
CA ALA A 77 2.71 -9.72 -0.42
C ALA A 77 2.14 -10.19 0.91
N ALA A 78 1.30 -11.21 0.84
CA ALA A 78 0.64 -11.69 2.05
C ALA A 78 1.66 -12.42 2.91
N LEU A 79 2.59 -13.14 2.27
CA LEU A 79 3.56 -13.92 3.07
C LEU A 79 4.54 -12.99 3.75
N ALA A 80 5.00 -11.97 3.05
CA ALA A 80 5.89 -10.99 3.65
C ALA A 80 5.22 -10.31 4.85
N THR A 81 3.95 -9.96 4.68
CA THR A 81 3.15 -9.31 5.73
C THR A 81 3.07 -10.17 6.99
N ALA A 82 2.76 -11.46 6.82
CA ALA A 82 2.68 -12.40 7.91
C ALA A 82 3.99 -12.48 8.72
N ILE A 83 5.11 -12.57 8.02
CA ILE A 83 6.42 -12.62 8.66
C ILE A 83 6.72 -11.29 9.33
N LEU A 84 6.35 -10.22 8.67
CA LEU A 84 6.57 -8.89 9.21
C LEU A 84 5.90 -8.78 10.60
N ILE A 85 4.68 -9.31 10.71
CA ILE A 85 3.91 -9.22 11.94
C ILE A 85 4.34 -10.27 12.97
N ASP A 86 4.54 -11.51 12.52
CA ASP A 86 4.87 -12.59 13.44
C ASP A 86 6.31 -12.49 13.97
N ARG A 87 7.25 -12.15 13.09
CA ARG A 87 8.65 -12.13 13.50
C ARG A 87 9.02 -10.80 14.15
N PHE A 88 8.50 -9.70 13.63
CA PHE A 88 8.95 -8.39 14.10
C PHE A 88 7.90 -7.67 14.92
N GLN A 89 6.74 -8.29 15.07
CA GLN A 89 5.65 -7.72 15.86
C GLN A 89 5.39 -6.22 15.62
N VAL A 90 5.24 -5.83 14.36
CA VAL A 90 4.93 -4.44 14.04
C VAL A 90 3.52 -4.14 14.55
N ASP A 91 3.28 -2.89 14.92
CA ASP A 91 2.00 -2.53 15.49
C ASP A 91 1.01 -2.26 14.38
N TYR A 92 1.53 -1.91 13.20
CA TYR A 92 0.69 -1.71 12.02
C TYR A 92 1.49 -1.87 10.72
N VAL A 93 0.80 -1.99 9.60
CA VAL A 93 1.48 -2.21 8.33
C VAL A 93 1.11 -1.13 7.32
N VAL A 94 2.12 -0.51 6.72
CA VAL A 94 1.93 0.44 5.65
C VAL A 94 2.38 -0.15 4.32
N ASN A 95 1.43 -0.29 3.39
CA ASN A 95 1.74 -0.78 2.07
C ASN A 95 1.94 0.43 1.18
N THR A 96 3.10 0.53 0.56
CA THR A 96 3.41 1.66 -0.30
C THR A 96 3.78 1.18 -1.69
N GLY A 97 3.57 2.03 -2.68
CA GLY A 97 3.99 1.72 -4.03
C GLY A 97 3.22 2.40 -5.15
N SER A 98 3.26 1.75 -6.31
CA SER A 98 2.64 2.32 -7.50
C SER A 98 1.29 1.70 -7.72
N ALA A 99 0.46 2.40 -8.50
CA ALA A 99 -0.86 1.92 -8.85
C ALA A 99 -1.33 2.54 -10.17
N GLY A 100 -2.26 1.87 -10.84
CA GLY A 100 -2.87 2.41 -12.04
C GLY A 100 -4.15 3.20 -11.74
N GLY A 101 -4.22 4.41 -12.27
CA GLY A 101 -5.38 5.24 -12.01
C GLY A 101 -6.61 4.74 -12.72
N PHE A 102 -7.74 4.78 -12.02
CA PHE A 102 -9.04 4.54 -12.62
C PHE A 102 -9.82 5.84 -12.64
N ASP A 103 -9.78 6.55 -11.51
CA ASP A 103 -10.45 7.84 -11.35
C ASP A 103 -9.85 8.88 -12.30
N ALA A 104 -10.64 9.31 -13.28
CA ALA A 104 -10.17 10.25 -14.30
C ALA A 104 -9.68 11.58 -13.73
N SER A 105 -10.12 11.91 -12.51
CA SER A 105 -9.71 13.16 -11.84
C SER A 105 -8.21 13.18 -11.59
N LEU A 106 -7.63 11.99 -11.48
CA LEU A 106 -6.25 11.83 -11.03
C LEU A 106 -5.30 11.63 -12.19
N LYS A 107 -4.11 12.20 -12.05
CA LYS A 107 -3.08 12.19 -13.08
C LYS A 107 -1.80 11.64 -12.50
N VAL A 108 -0.97 11.04 -13.34
CA VAL A 108 0.29 10.40 -12.94
C VAL A 108 1.01 11.17 -11.83
N GLY A 109 1.40 10.47 -10.78
CA GLY A 109 2.11 11.09 -9.69
C GLY A 109 1.22 11.39 -8.50
N ASP A 110 -0.08 11.51 -8.75
CA ASP A 110 -1.05 11.69 -7.68
C ASP A 110 -1.00 10.52 -6.71
N ILE A 111 -1.54 10.73 -5.52
CA ILE A 111 -1.47 9.73 -4.46
C ILE A 111 -2.85 9.33 -3.98
N VAL A 112 -3.06 8.04 -3.79
CA VAL A 112 -4.32 7.56 -3.28
C VAL A 112 -4.08 6.84 -1.97
N VAL A 113 -4.74 7.31 -0.91
CA VAL A 113 -4.70 6.65 0.38
C VAL A 113 -5.95 5.81 0.46
N SER A 114 -5.81 4.55 0.84
CA SER A 114 -6.94 3.65 0.90
C SER A 114 -7.95 4.15 1.92
N SER A 115 -9.23 4.18 1.52
CA SER A 115 -10.32 4.38 2.45
C SER A 115 -10.99 3.03 2.65
N GLU A 116 -10.84 2.17 1.66
CA GLU A 116 -11.17 0.75 1.75
C GLU A 116 -10.38 0.05 0.66
N VAL A 117 -10.30 -1.26 0.74
CA VAL A 117 -9.55 -2.03 -0.21
C VAL A 117 -10.29 -3.30 -0.52
N ARG A 118 -10.43 -3.60 -1.80
CA ARG A 118 -11.08 -4.84 -2.22
C ARG A 118 -10.28 -5.56 -3.29
N TYR A 119 -10.44 -6.88 -3.35
CA TYR A 119 -9.97 -7.60 -4.50
C TYR A 119 -10.88 -7.34 -5.67
N HIS A 120 -10.36 -7.10 -6.87
CA HIS A 120 -11.27 -7.08 -8.01
C HIS A 120 -11.33 -8.44 -8.71
N ASP A 121 -10.45 -9.36 -8.34
CA ASP A 121 -10.37 -10.60 -9.10
C ASP A 121 -10.82 -11.80 -8.30
N VAL A 122 -11.48 -11.54 -7.19
CA VAL A 122 -12.15 -12.58 -6.42
C VAL A 122 -13.63 -12.71 -6.81
N ASP A 123 -14.08 -13.91 -7.15
CA ASP A 123 -15.47 -14.09 -7.53
C ASP A 123 -16.07 -15.37 -6.98
N LEU A 124 -16.86 -15.23 -5.91
CA LEU A 124 -17.64 -16.34 -5.38
C LEU A 124 -19.12 -15.94 -5.32
N THR A 125 -19.50 -15.02 -6.21
CA THR A 125 -20.89 -14.60 -6.34
C THR A 125 -21.81 -15.78 -6.62
N ALA A 126 -21.28 -16.86 -7.18
CA ALA A 126 -22.10 -18.02 -7.46
C ALA A 126 -22.74 -18.57 -6.20
N PHE A 127 -22.18 -18.19 -5.05
CA PHE A 127 -22.64 -18.68 -3.76
C PHE A 127 -23.18 -17.56 -2.88
N GLY A 128 -23.33 -16.36 -3.45
CA GLY A 128 -24.04 -15.31 -2.75
C GLY A 128 -23.14 -14.26 -2.14
N TYR A 129 -21.83 -14.45 -2.30
CA TYR A 129 -20.91 -13.46 -1.77
C TYR A 129 -20.91 -12.28 -2.70
N GLU A 130 -20.46 -11.16 -2.19
CA GLU A 130 -20.31 -9.94 -2.99
C GLU A 130 -19.13 -10.08 -3.97
N ILE A 131 -19.19 -9.34 -5.08
CA ILE A 131 -18.12 -9.39 -6.03
C ILE A 131 -16.88 -8.93 -5.27
N GLY A 132 -15.76 -9.61 -5.48
CA GLY A 132 -14.54 -9.23 -4.80
C GLY A 132 -14.34 -9.86 -3.41
N GLN A 133 -15.37 -10.53 -2.89
CA GLN A 133 -15.37 -10.92 -1.49
C GLN A 133 -15.02 -12.38 -1.29
N LEU A 134 -14.08 -12.65 -0.37
CA LEU A 134 -13.77 -14.02 -0.01
C LEU A 134 -14.65 -14.48 1.15
N PRO A 135 -15.09 -15.73 1.11
CA PRO A 135 -15.85 -16.25 2.24
C PRO A 135 -15.07 -16.11 3.54
N ALA A 136 -15.76 -15.73 4.62
CA ALA A 136 -15.20 -15.53 5.96
C ALA A 136 -14.32 -14.29 6.03
N ASN A 137 -14.46 -13.43 5.04
CA ASN A 137 -13.78 -12.16 4.99
C ASN A 137 -14.81 -11.07 4.70
N PRO A 138 -14.51 -9.83 5.08
CA PRO A 138 -15.44 -8.76 4.70
C PRO A 138 -15.31 -8.49 3.21
N ALA A 139 -16.32 -7.86 2.60
CA ALA A 139 -16.21 -7.56 1.18
C ALA A 139 -15.07 -6.55 0.96
N ALA A 140 -14.97 -5.62 1.89
CA ALA A 140 -13.94 -4.60 1.81
C ALA A 140 -13.13 -4.64 3.10
N PHE A 141 -11.81 -4.65 2.99
CA PHE A 141 -10.94 -4.57 4.16
C PHE A 141 -10.82 -3.12 4.54
N PRO A 143 -8.97 0.10 6.39
CA PRO A 143 -7.77 0.66 7.00
C PRO A 143 -8.14 1.33 8.31
N HIS A 144 -7.17 1.41 9.24
CA HIS A 144 -7.43 2.06 10.50
C HIS A 144 -7.69 3.55 10.26
N ASP A 145 -8.73 4.08 10.89
CA ASP A 145 -9.11 5.48 10.73
C ASP A 145 -7.98 6.44 11.05
N ASP A 146 -7.23 6.12 12.10
CA ASP A 146 -6.16 7.01 12.55
C ASP A 146 -4.95 6.99 11.60
N LEU A 147 -4.69 5.85 10.97
CA LEU A 147 -3.64 5.76 9.96
C LEU A 147 -4.06 6.53 8.73
N VAL A 148 -5.35 6.44 8.40
CA VAL A 148 -5.90 7.22 7.30
C VAL A 148 -5.83 8.70 7.65
N ALA A 149 -6.32 9.04 8.84
CA ALA A 149 -6.28 10.40 9.34
C ALA A 149 -4.86 10.95 9.34
N ALA A 150 -3.91 10.11 9.75
CA ALA A 150 -2.51 10.51 9.80
C ALA A 150 -2.01 10.93 8.43
N ALA A 151 -2.21 10.08 7.43
CA ALA A 151 -1.74 10.38 6.08
C ALA A 151 -2.52 11.54 5.45
N LYS A 152 -3.74 11.78 5.94
CA LYS A 152 -4.54 12.93 5.53
C LYS A 152 -3.81 14.22 5.94
N LYS A 153 -3.45 14.29 7.21
CA LYS A 153 -2.62 15.38 7.71
C LYS A 153 -1.25 15.33 7.05
N GLY A 154 -0.85 14.14 6.64
CA GLY A 154 0.42 13.91 5.97
C GLY A 154 0.55 14.76 4.73
N ILE A 155 -0.59 15.12 4.15
CA ILE A 155 -0.60 16.13 3.10
C ILE A 155 -0.45 17.55 3.70
N GLU A 156 0.72 17.78 4.28
CA GLU A 156 1.44 19.03 4.11
C GLU A 156 2.49 18.90 3.01
N GLN A 157 2.10 18.25 1.91
CA GLN A 157 2.98 17.34 1.22
C GLN A 157 4.33 17.99 0.94
N LEU A 158 4.31 19.30 0.71
CA LEU A 158 4.69 19.87 -0.58
C LEU A 158 6.20 19.83 -0.78
N SER A 159 6.62 19.21 -1.88
CA SER A 159 8.03 18.86 -2.07
C SER A 159 8.93 20.07 -1.85
N GLN A 160 8.68 21.14 -2.58
CA GLN A 160 9.46 22.36 -2.45
C GLN A 160 8.63 23.60 -2.80
N ASN A 165 2.26 20.37 -9.26
CA ASN A 165 1.77 20.04 -7.91
C ASN A 165 0.99 18.71 -7.85
N ILE A 166 1.20 17.97 -6.77
CA ILE A 166 0.60 16.65 -6.55
C ILE A 166 -0.77 16.71 -5.88
N LYS A 167 -1.73 15.96 -6.40
CA LYS A 167 -3.03 15.79 -5.75
C LYS A 167 -2.98 14.53 -4.88
N ALA A 168 -3.69 14.54 -3.76
CA ALA A 168 -3.72 13.38 -2.88
C ALA A 168 -5.14 13.16 -2.40
N VAL A 169 -5.62 11.92 -2.51
CA VAL A 169 -7.00 11.62 -2.18
C VAL A 169 -7.13 10.35 -1.36
N THR A 170 -8.27 10.21 -0.67
CA THR A 170 -8.68 8.92 -0.15
C THR A 170 -9.68 8.32 -1.12
N GLY A 171 -9.63 7.02 -1.29
CA GLY A 171 -10.54 6.38 -2.22
C GLY A 171 -10.39 4.88 -2.18
N LEU A 172 -11.28 4.20 -2.88
CA LEU A 172 -11.22 2.75 -2.96
C LEU A 172 -10.03 2.32 -3.82
N ILE A 173 -9.27 1.34 -3.32
CA ILE A 173 -8.19 0.72 -4.08
C ILE A 173 -8.51 -0.76 -4.27
N THR A 174 -8.39 -1.27 -5.48
CA THR A 174 -8.61 -2.70 -5.66
C THR A 174 -7.32 -3.41 -6.07
N THR A 175 -7.36 -4.73 -6.05
CA THR A 175 -6.17 -5.56 -6.09
C THR A 175 -6.46 -6.82 -6.86
N GLY A 176 -5.60 -7.15 -7.82
CA GLY A 176 -5.66 -8.44 -8.47
C GLY A 176 -4.28 -8.86 -8.92
N ASP A 177 -4.16 -10.13 -9.31
CA ASP A 177 -2.92 -10.67 -9.85
C ASP A 177 -2.79 -10.54 -11.39
N THR A 178 -3.55 -9.63 -12.01
CA THR A 178 -3.28 -9.31 -13.41
C THR A 178 -2.90 -7.84 -13.50
N PHE A 179 -1.83 -7.55 -14.22
CA PHE A 179 -1.51 -6.16 -14.51
C PHE A 179 -2.57 -5.62 -15.47
N THR A 181 -4.29 -3.83 -18.18
CA THR A 181 -3.85 -3.13 -19.38
C THR A 181 -4.86 -3.32 -20.51
N LYS A 182 -5.41 -4.53 -20.62
CA LYS A 182 -6.38 -4.83 -21.66
C LYS A 182 -7.69 -4.08 -21.43
N GLU A 183 -8.06 -3.27 -22.43
CA GLU A 183 -9.25 -2.42 -22.32
C GLU A 183 -10.44 -3.20 -21.76
N GLU A 184 -10.49 -4.49 -22.06
CA GLU A 184 -11.56 -5.35 -21.60
C GLU A 184 -11.47 -5.67 -20.11
N ASP A 185 -10.24 -5.88 -19.64
CA ASP A 185 -10.03 -6.18 -18.22
C ASP A 185 -10.37 -4.94 -17.40
N VAL A 186 -9.91 -3.79 -17.88
CA VAL A 186 -10.17 -2.53 -17.20
C VAL A 186 -11.67 -2.24 -17.13
N ALA A 187 -12.41 -2.64 -18.16
CA ALA A 187 -13.84 -2.36 -18.23
C ALA A 187 -14.63 -3.21 -17.24
N LYS A 188 -14.27 -4.49 -17.16
CA LYS A 188 -14.94 -5.43 -16.27
C LYS A 188 -14.69 -5.00 -14.82
N ALA A 189 -13.45 -4.65 -14.51
CA ALA A 189 -13.12 -4.17 -13.18
C ALA A 189 -13.89 -2.91 -12.86
N ARG A 190 -13.90 -1.98 -13.81
CA ARG A 190 -14.59 -0.72 -13.63
C ARG A 190 -16.08 -0.93 -13.40
N ALA A 191 -16.67 -1.88 -14.13
CA ALA A 191 -18.08 -2.19 -13.97
C ALA A 191 -18.40 -2.74 -12.59
N ASN A 192 -17.54 -3.62 -12.07
CA ASN A 192 -17.77 -4.24 -10.77
C ASN A 192 -17.47 -3.28 -9.62
N PHE A 193 -16.54 -2.36 -9.88
CA PHE A 193 -16.07 -1.46 -8.82
C PHE A 193 -15.98 -0.04 -9.33
N PRO A 194 -17.16 0.58 -9.56
CA PRO A 194 -17.30 1.86 -10.25
C PRO A 194 -16.62 3.03 -9.54
N THR A 195 -16.55 2.97 -8.21
CA THR A 195 -15.97 4.06 -7.45
C THR A 195 -14.45 3.99 -7.27
N ALA A 197 -10.65 4.29 -7.17
CA ALA A 197 -9.69 5.33 -7.49
C ALA A 197 -8.48 4.74 -8.22
N ALA A 198 -8.08 3.52 -7.87
CA ALA A 198 -6.85 2.98 -8.43
C ALA A 198 -6.74 1.49 -8.22
N VAL A 199 -5.84 0.87 -8.98
CA VAL A 199 -5.68 -0.56 -8.95
C VAL A 199 -4.20 -0.94 -8.77
N GLU A 200 -3.96 -2.09 -8.13
CA GLU A 200 -2.63 -2.62 -7.92
C GLU A 200 -2.69 -4.13 -7.67
N GLU A 202 -1.21 -5.90 -4.73
CA GLU A 202 -0.85 -6.40 -3.39
C GLU A 202 -1.70 -5.88 -2.22
N GLY A 203 -2.36 -4.74 -2.37
CA GLY A 203 -3.09 -4.10 -1.29
C GLY A 203 -4.04 -4.96 -0.49
N ALA A 204 -5.02 -5.57 -1.14
CA ALA A 204 -6.02 -6.35 -0.43
C ALA A 204 -5.39 -7.59 0.22
N ALA A 205 -4.23 -8.02 -0.30
CA ALA A 205 -3.60 -9.23 0.21
C ALA A 205 -2.91 -8.91 1.53
N ILE A 206 -2.27 -7.77 1.56
CA ILE A 206 -1.72 -7.27 2.80
C ILE A 206 -2.86 -7.07 3.83
N ALA A 207 -3.99 -6.51 3.37
CA ALA A 207 -5.08 -6.21 4.28
C ALA A 207 -5.68 -7.50 4.80
N GLN A 208 -5.77 -8.50 3.91
CA GLN A 208 -6.30 -9.79 4.27
C GLN A 208 -5.45 -10.45 5.34
N ALA A 209 -4.14 -10.46 5.11
CA ALA A 209 -3.18 -10.99 6.09
C ALA A 209 -3.25 -10.23 7.41
N CYS A 210 -3.32 -8.91 7.33
CA CYS A 210 -3.42 -8.09 8.52
C CYS A 210 -4.66 -8.38 9.34
N LEU A 211 -5.77 -8.64 8.67
CA LEU A 211 -7.01 -8.92 9.36
C LEU A 211 -6.89 -10.23 10.10
N GLN A 212 -6.29 -11.19 9.44
CA GLN A 212 -6.10 -12.52 9.98
C GLN A 212 -5.23 -12.41 11.23
N LEU A 213 -4.30 -11.45 11.22
CA LEU A 213 -3.32 -11.29 12.29
C LEU A 213 -3.65 -10.10 13.19
N LYS A 214 -4.91 -9.69 13.15
CA LYS A 214 -5.44 -8.62 13.99
C LYS A 214 -4.53 -7.40 14.01
N THR A 215 -4.08 -6.98 12.84
CA THR A 215 -3.17 -5.87 12.73
C THR A 215 -3.74 -4.76 11.84
N PRO A 216 -3.63 -3.52 12.29
CA PRO A 216 -4.03 -2.34 11.51
C PRO A 216 -3.17 -2.17 10.28
N PHE A 217 -3.76 -1.70 9.19
CA PHE A 217 -3.02 -1.48 7.96
C PHE A 217 -3.49 -0.18 7.35
N VAL A 218 -2.70 0.34 6.42
CA VAL A 218 -3.18 1.36 5.50
C VAL A 218 -2.41 1.16 4.20
N VAL A 219 -3.04 1.47 3.08
CA VAL A 219 -2.41 1.32 1.78
C VAL A 219 -2.20 2.69 1.19
N ILE A 220 -0.95 3.04 0.89
CA ILE A 220 -0.67 4.32 0.26
C ILE A 220 -0.04 4.10 -1.09
N ARG A 221 -0.67 4.58 -2.14
CA ARG A 221 -0.13 4.32 -3.46
C ARG A 221 -0.24 5.51 -4.39
N SER A 222 0.78 5.64 -5.22
CA SER A 222 0.90 6.77 -6.13
C SER A 222 0.76 6.27 -7.58
N LEU A 223 0.12 7.07 -8.41
CA LEU A 223 -0.22 6.67 -9.77
C LEU A 223 0.98 6.65 -10.69
N SER A 224 1.34 5.45 -11.16
CA SER A 224 2.47 5.30 -12.07
C SER A 224 1.99 5.29 -13.52
N ASP A 225 0.68 5.26 -13.70
CA ASP A 225 0.08 5.18 -15.02
C ASP A 225 -1.43 5.26 -14.90
N ILE A 226 -2.10 5.55 -16.01
CA ILE A 226 -3.55 5.44 -16.06
C ILE A 226 -3.83 4.04 -16.63
N ALA A 227 -4.63 3.25 -15.92
CA ALA A 227 -4.82 1.85 -16.30
C ALA A 227 -5.46 1.70 -17.68
N GLY A 228 -4.80 0.97 -18.57
CA GLY A 228 -5.25 0.81 -19.95
C GLY A 228 -4.12 0.51 -20.95
N LYS A 229 -4.29 1.00 -22.18
CA LYS A 229 -3.38 0.70 -23.29
C LYS A 229 -1.95 1.25 -23.11
N GLU A 230 -1.84 2.37 -22.39
CA GLU A 230 -0.54 3.03 -22.24
C GLU A 230 0.25 2.50 -21.03
N SER A 231 -0.37 1.58 -20.27
CA SER A 231 0.12 1.24 -18.95
C SER A 231 1.55 0.66 -18.88
N PRO A 232 1.89 -0.33 -19.73
CA PRO A 232 3.22 -0.93 -19.52
C PRO A 232 4.39 0.04 -19.66
N HIS A 233 4.41 0.89 -20.67
CA HIS A 233 5.55 1.79 -20.83
C HIS A 233 5.39 3.04 -19.95
N THR A 234 4.15 3.46 -19.69
CA THR A 234 3.92 4.56 -18.76
C THR A 234 4.39 4.17 -17.36
N PHE A 235 4.04 2.96 -16.92
CA PHE A 235 4.50 2.40 -15.65
C PHE A 235 6.02 2.45 -15.53
N GLU A 236 6.71 1.93 -16.54
CA GLU A 236 8.17 1.92 -16.55
C GLU A 236 8.78 3.32 -16.50
N GLU A 237 8.06 4.28 -17.07
CA GLU A 237 8.54 5.65 -17.16
C GLU A 237 8.38 6.34 -15.79
N TYR A 238 7.23 6.09 -15.14
CA TYR A 238 6.82 6.85 -13.97
C TYR A 238 6.76 6.03 -12.66
N LEU A 239 7.38 4.86 -12.66
CA LEU A 239 7.52 4.07 -11.43
C LEU A 239 8.36 4.81 -10.38
N GLU A 240 9.49 5.36 -10.81
CA GLU A 240 10.36 6.14 -9.94
C GLU A 240 9.67 7.37 -9.35
N THR A 241 8.82 8.02 -10.16
CA THR A 241 8.02 9.12 -9.65
C THR A 241 7.04 8.67 -8.56
N ALA A 242 6.32 7.59 -8.85
CA ALA A 242 5.29 7.10 -7.94
C ALA A 242 5.93 6.59 -6.65
N ALA A 243 7.14 6.04 -6.75
CA ALA A 243 7.90 5.62 -5.57
C ALA A 243 8.29 6.83 -4.72
N VAL A 244 8.79 7.88 -5.37
CA VAL A 244 9.17 9.09 -4.65
C VAL A 244 7.99 9.70 -3.90
N ASN A 245 6.86 9.80 -4.59
CA ASN A 245 5.70 10.47 -4.02
C ASN A 245 5.07 9.66 -2.90
N SER A 246 4.95 8.35 -3.11
CA SER A 246 4.36 7.50 -2.08
C SER A 246 5.29 7.44 -0.88
N SER A 247 6.59 7.31 -1.13
CA SER A 247 7.55 7.25 -0.02
C SER A 247 7.50 8.50 0.84
N GLN A 248 7.36 9.67 0.20
CA GLN A 248 7.26 10.91 0.96
C GLN A 248 6.08 10.92 1.93
N LEU A 249 4.90 10.56 1.42
CA LEU A 249 3.68 10.60 2.24
C LEU A 249 3.79 9.63 3.40
N VAL A 250 4.63 8.60 3.23
CA VAL A 250 4.91 7.66 4.29
C VAL A 250 5.70 8.34 5.40
N LEU A 251 6.74 9.08 5.01
CA LEU A 251 7.59 9.76 5.96
C LEU A 251 6.82 10.79 6.78
N ASN A 252 5.96 11.55 6.10
CA ASN A 252 5.08 12.47 6.77
C ASN A 252 4.18 11.75 7.74
N LEU A 254 4.54 8.98 9.16
CA LEU A 254 5.36 8.56 10.31
C LEU A 254 5.56 9.70 11.30
N GLY A 255 5.66 10.92 10.77
CA GLY A 255 5.80 12.09 11.61
C GLY A 255 4.55 12.34 12.44
N GLN A 256 3.39 12.23 11.80
CA GLN A 256 2.12 12.50 12.46
C GLN A 256 1.81 11.46 13.54
N LEU A 257 2.43 10.28 13.42
CA LEU A 257 2.17 9.18 14.32
C LEU A 257 3.14 9.13 15.49
N LYS A 258 4.10 10.05 15.47
CA LYS A 258 5.13 10.09 16.49
C LYS A 258 4.55 10.41 17.85
N GLY A 259 4.80 9.53 18.81
CA GLY A 259 4.32 9.73 20.17
C GLY A 259 2.88 9.31 20.34
N LYS A 260 2.29 8.79 19.26
CA LYS A 260 0.90 8.36 19.30
C LYS A 260 0.75 6.84 19.28
N VAL A 261 -0.47 6.39 19.57
CA VAL A 261 -0.81 4.96 19.49
C VAL A 261 -2.17 4.85 18.77
N LEU A 262 -2.47 3.70 18.19
CA LEU A 262 -3.70 3.58 17.42
C LEU A 262 -4.88 3.31 18.34
N SER A 263 -5.99 3.99 18.08
CA SER A 263 -7.24 3.75 18.81
C SER A 263 -7.80 2.33 18.60
#